data_2PF8
#
_entry.id   2PF8
#
_cell.length_a   49.339
_cell.length_b   66.815
_cell.length_c   47.378
_cell.angle_alpha   90.00
_cell.angle_beta   92.10
_cell.angle_gamma   90.00
#
_symmetry.space_group_name_H-M   'P 1 21 1'
#
loop_
_entity.id
_entity.type
_entity.pdbx_description
1 polymer 'Aldose reductase'
2 non-polymer 'CHLORIDE ION'
3 non-polymer 'NADPH DIHYDRO-NICOTINAMIDE-ADENINE-DINUCLEOTIDE PHOSPHATE'
4 non-polymer IDD594
5 non-polymer "(2S,4S)-2-AMINOFORMYL-6-FLUORO-SPIRO[CHROMAN-4,4'-IMIDAZOLIDINE]-2',5'-DIONE"
6 non-polymer 'CITRIC ACID'
7 water water
#
_entity_poly.entity_id   1
_entity_poly.type   'polypeptide(L)'
_entity_poly.pdbx_seq_one_letter_code
;MASRILLNNGAKMPILGLGTWKSPPGQVTEAVKVAIDVGYRHIDCAHVYQNENEVGVAIQEKLREQVVKREELFIVSKLW
CTYHEKGLVKGACQKTLSDLKLDYLDLYLIHWPTGFKPGKEFFPLDESGNVVPSDTNILDTWAAMEELVDEGLVKAIGIS
NFNHLQVEMILNKPGLKYKPAVNQIECHPYLTQEKLIQYCQSKGIVVTAYSPLGSPDRPWAKPEDPSLLEDPRIKAIAAK
HNKTTAQVLIRFPMQRNLVVIPKSVTPERIAENFKVFDFELSSQDMTTLLSYNRNWRVCALLSCTSHKDYPFHEEF
;
_entity_poly.pdbx_strand_id   A
#
loop_
_chem_comp.id
_chem_comp.type
_chem_comp.name
_chem_comp.formula
CIT non-polymer 'CITRIC ACID' 'C6 H8 O7'
CL non-polymer 'CHLORIDE ION' 'Cl -1'
FID non-polymer (2S,4S)-2-AMINOFORMYL-6-FLUORO-SPIRO[CHROMAN-4,4'-IMIDAZOLIDINE]-2',5'-DIONE 'C12 H10 F N3 O4'
LDT non-polymer IDD594 'C16 H12 Br F2 N O3 S'
NDP non-polymer 'NADPH DIHYDRO-NICOTINAMIDE-ADENINE-DINUCLEOTIDE PHOSPHATE' 'C21 H30 N7 O17 P3'
#
# COMPACT_ATOMS: atom_id res chain seq x y z
N MET A 1 -0.40 9.77 19.96
CA MET A 1 0.48 8.66 19.67
C MET A 1 1.88 8.91 19.15
N ALA A 2 2.86 7.99 19.46
CA ALA A 2 4.17 8.06 18.80
C ALA A 2 4.04 8.02 17.32
N SER A 3 4.91 8.72 16.67
CA SER A 3 4.75 8.97 15.28
C SER A 3 5.33 7.88 14.37
N ARG A 4 6.22 7.03 14.84
CA ARG A 4 6.88 6.04 14.01
C ARG A 4 6.77 4.66 14.64
N ILE A 5 6.85 3.64 13.77
CA ILE A 5 6.83 2.23 14.14
C ILE A 5 8.17 1.61 13.76
N LEU A 6 8.68 0.73 14.61
CA LEU A 6 9.94 0.06 14.34
C LEU A 6 9.74 -1.11 13.39
N LEU A 7 10.51 -1.12 12.31
CA LEU A 7 10.50 -2.23 11.37
C LEU A 7 11.55 -3.27 11.74
N ASN A 8 11.39 -4.47 11.15
CA ASN A 8 12.31 -5.58 11.37
C ASN A 8 13.63 -5.44 10.64
N ASN A 9 13.91 -4.31 9.98
CA ASN A 9 15.22 -3.96 9.54
C ASN A 9 15.93 -3.00 10.47
N GLY A 10 15.28 -2.64 11.61
CA GLY A 10 15.87 -1.73 12.56
C GLY A 10 15.59 -0.27 12.32
N ALA A 11 14.94 0.10 11.25
CA ALA A 11 14.57 1.48 10.92
C ALA A 11 13.17 1.77 11.42
N LYS A 12 12.88 3.06 11.61
CA LYS A 12 11.59 3.52 12.04
C LYS A 12 10.82 4.16 10.86
N MET A 13 9.54 3.82 10.77
CA MET A 13 8.67 4.21 9.69
C MET A 13 7.54 5.11 10.20
N PRO A 14 7.34 6.30 9.65
CA PRO A 14 6.20 7.13 10.08
C PRO A 14 4.89 6.43 9.82
N ILE A 15 4.02 6.41 10.85
CA ILE A 15 2.75 5.72 10.75
C ILE A 15 1.68 6.38 9.89
C ILE A 15 1.83 6.57 9.85
N LEU A 16 1.95 7.65 9.55
N LEU A 16 1.99 7.88 9.64
CA LEU A 16 1.06 8.36 8.63
CA LEU A 16 1.23 8.65 8.66
C LEU A 16 1.92 8.80 7.44
C LEU A 16 2.05 8.83 7.39
N GLY A 17 1.47 8.49 6.24
CA GLY A 17 2.08 8.92 5.01
C GLY A 17 1.05 9.48 4.04
N LEU A 18 1.56 10.14 3.01
CA LEU A 18 0.73 10.70 1.95
C LEU A 18 0.69 9.74 0.76
N GLY A 19 -0.53 9.34 0.39
CA GLY A 19 -0.72 8.57 -0.83
C GLY A 19 -0.66 9.45 -2.08
N THR A 20 -0.27 8.84 -3.21
CA THR A 20 -0.09 9.56 -4.45
C THR A 20 -0.75 8.91 -5.68
N TRP A 21 -1.44 7.79 -5.51
CA TRP A 21 -2.16 7.23 -6.66
C TRP A 21 -3.31 8.17 -7.03
N LYS A 22 -3.37 8.52 -8.31
CA LYS A 22 -4.40 9.39 -8.90
C LYS A 22 -4.09 10.85 -8.68
N SER A 23 -3.04 11.21 -7.95
CA SER A 23 -2.70 12.61 -7.76
C SER A 23 -2.22 13.15 -9.10
N PRO A 24 -2.90 14.15 -9.68
CA PRO A 24 -2.54 14.55 -11.03
C PRO A 24 -1.12 15.11 -11.06
N PRO A 25 -0.38 14.90 -12.15
CA PRO A 25 1.00 15.37 -12.18
C PRO A 25 1.13 16.86 -12.04
N GLY A 26 0.12 17.63 -12.45
CA GLY A 26 0.16 19.07 -12.30
C GLY A 26 -0.27 19.58 -10.91
N GLN A 27 -0.65 18.67 -10.01
CA GLN A 27 -1.03 19.00 -8.67
C GLN A 27 -0.16 18.33 -7.60
N VAL A 28 0.49 17.22 -7.93
CA VAL A 28 1.14 16.43 -6.90
C VAL A 28 2.39 17.09 -6.36
N THR A 29 3.09 17.91 -7.16
CA THR A 29 4.26 18.59 -6.61
C THR A 29 3.84 19.50 -5.44
N GLU A 30 2.83 20.34 -5.67
CA GLU A 30 2.34 21.18 -4.60
C GLU A 30 1.80 20.35 -3.44
N ALA A 31 1.10 19.23 -3.73
CA ALA A 31 0.55 18.44 -2.64
C ALA A 31 1.65 17.94 -1.71
N VAL A 32 2.74 17.43 -2.31
CA VAL A 32 3.82 16.89 -1.50
C VAL A 32 4.56 18.03 -0.77
N LYS A 33 4.73 19.17 -1.42
CA LYS A 33 5.34 20.32 -0.74
C LYS A 33 4.52 20.72 0.49
N VAL A 34 3.20 20.85 0.32
CA VAL A 34 2.32 21.18 1.44
C VAL A 34 2.41 20.12 2.52
N ALA A 35 2.36 18.84 2.10
CA ALA A 35 2.41 17.76 3.08
C ALA A 35 3.67 17.87 3.94
N ILE A 36 4.84 18.04 3.29
CA ILE A 36 6.07 18.14 4.07
C ILE A 36 6.02 19.39 4.97
N ASP A 37 5.51 20.51 4.45
CA ASP A 37 5.43 21.71 5.28
C ASP A 37 4.58 21.52 6.53
N VAL A 38 3.50 20.71 6.46
CA VAL A 38 2.61 20.54 7.58
C VAL A 38 2.93 19.31 8.44
N GLY A 39 4.00 18.59 8.11
CA GLY A 39 4.53 17.58 8.99
C GLY A 39 4.68 16.17 8.43
N TYR A 40 4.14 15.90 7.25
CA TYR A 40 4.32 14.56 6.71
C TYR A 40 5.80 14.30 6.43
N ARG A 41 6.17 13.06 6.81
N ARG A 41 6.22 13.06 6.66
CA ARG A 41 7.54 12.59 6.62
CA ARG A 41 7.63 12.67 6.44
C ARG A 41 7.62 11.26 5.86
C ARG A 41 7.68 11.43 5.54
N HIS A 42 6.53 10.83 5.29
CA HIS A 42 6.40 9.56 4.58
C HIS A 42 5.52 9.82 3.37
N ILE A 43 6.02 9.45 2.19
CA ILE A 43 5.28 9.55 0.93
C ILE A 43 5.23 8.14 0.31
N ASP A 44 4.02 7.72 -0.07
CA ASP A 44 3.84 6.45 -0.74
C ASP A 44 3.72 6.68 -2.25
N CYS A 45 4.61 6.03 -3.01
CA CYS A 45 4.77 6.25 -4.43
C CYS A 45 4.68 4.93 -5.18
N ALA A 46 4.63 5.02 -6.51
CA ALA A 46 4.82 3.82 -7.33
C ALA A 46 5.09 4.26 -8.74
N HIS A 47 5.94 3.47 -9.45
CA HIS A 47 6.18 3.75 -10.87
C HIS A 47 4.89 3.72 -11.67
N VAL A 48 4.00 2.77 -11.38
CA VAL A 48 2.77 2.64 -12.19
C VAL A 48 1.87 3.86 -12.04
N TYR A 49 2.05 4.68 -10.99
CA TYR A 49 1.21 5.86 -10.82
C TYR A 49 1.55 6.97 -11.82
N GLN A 50 2.70 6.89 -12.47
CA GLN A 50 3.08 7.76 -13.57
C GLN A 50 3.38 9.20 -13.12
N ASN A 51 3.59 9.44 -11.85
CA ASN A 51 3.81 10.77 -11.32
C ASN A 51 5.03 10.86 -10.41
N GLU A 52 5.94 9.88 -10.46
CA GLU A 52 7.08 9.93 -9.57
C GLU A 52 8.01 11.11 -9.89
N ASN A 53 8.14 11.51 -11.16
CA ASN A 53 9.00 12.67 -11.44
C ASN A 53 8.51 13.88 -10.66
N GLU A 54 7.21 14.12 -10.70
CA GLU A 54 6.61 15.28 -10.08
C GLU A 54 6.63 15.18 -8.55
N VAL A 55 6.43 13.99 -8.00
CA VAL A 55 6.63 13.80 -6.57
C VAL A 55 8.07 14.18 -6.21
N GLY A 56 9.01 13.68 -7.03
CA GLY A 56 10.42 13.94 -6.78
C GLY A 56 10.78 15.42 -6.80
N VAL A 57 10.16 16.19 -7.69
CA VAL A 57 10.43 17.63 -7.72
C VAL A 57 10.16 18.22 -6.33
N ALA A 58 9.02 17.83 -5.73
CA ALA A 58 8.67 18.34 -4.41
C ALA A 58 9.67 17.93 -3.34
N ILE A 59 10.00 16.63 -3.32
CA ILE A 59 10.95 16.13 -2.32
C ILE A 59 12.27 16.92 -2.45
N GLN A 60 12.77 17.02 -3.67
CA GLN A 60 14.05 17.66 -3.87
C GLN A 60 14.00 19.15 -3.46
N GLU A 61 12.90 19.84 -3.77
CA GLU A 61 12.81 21.23 -3.36
C GLU A 61 12.81 21.36 -1.85
N LYS A 62 12.10 20.49 -1.15
CA LYS A 62 12.06 20.61 0.30
C LYS A 62 13.38 20.24 0.95
N LEU A 63 14.12 19.31 0.34
CA LEU A 63 15.49 19.03 0.79
C LEU A 63 16.37 20.23 0.51
N ARG A 64 16.28 20.81 -0.67
CA ARG A 64 17.10 21.97 -1.02
C ARG A 64 16.82 23.17 -0.10
N GLU A 65 15.52 23.41 0.17
N GLU A 65 15.57 23.35 0.27
CA GLU A 65 15.01 24.43 1.08
CA GLU A 65 15.45 24.53 1.15
C GLU A 65 15.44 24.14 2.53
C GLU A 65 15.67 24.21 2.60
N GLN A 66 15.93 22.94 2.87
CA GLN A 66 16.26 22.53 4.23
C GLN A 66 15.07 22.63 5.15
N VAL A 67 13.88 22.32 4.59
CA VAL A 67 12.71 22.11 5.40
C VAL A 67 12.83 20.83 6.21
N VAL A 68 13.48 19.85 5.56
N VAL A 68 13.47 19.83 5.63
CA VAL A 68 13.76 18.52 6.09
CA VAL A 68 13.57 18.50 6.23
C VAL A 68 15.12 18.06 5.63
C VAL A 68 14.89 17.93 5.70
N LYS A 69 15.63 17.08 6.39
CA LYS A 69 16.80 16.36 5.95
C LYS A 69 16.37 15.02 5.35
N ARG A 70 17.20 14.47 4.46
CA ARG A 70 16.84 13.21 3.81
C ARG A 70 16.60 12.12 4.83
N GLU A 71 17.41 12.06 5.91
CA GLU A 71 17.27 11.02 6.90
C GLU A 71 15.91 11.07 7.61
N GLU A 72 15.27 12.23 7.62
CA GLU A 72 13.98 12.40 8.27
C GLU A 72 12.81 12.00 7.37
N LEU A 73 13.05 11.78 6.08
CA LEU A 73 12.00 11.34 5.17
C LEU A 73 12.02 9.83 5.05
N PHE A 74 10.83 9.30 4.75
CA PHE A 74 10.63 7.87 4.57
C PHE A 74 9.86 7.72 3.24
N ILE A 75 10.62 7.42 2.18
CA ILE A 75 10.05 7.39 0.85
C ILE A 75 9.89 5.92 0.42
N VAL A 76 8.67 5.58 0.00
CA VAL A 76 8.28 4.24 -0.38
C VAL A 76 7.95 4.22 -1.86
N SER A 77 8.45 3.21 -2.59
CA SER A 77 7.92 2.96 -3.92
C SER A 77 7.76 1.45 -4.10
N LYS A 78 7.36 1.08 -5.33
CA LYS A 78 6.91 -0.27 -5.59
C LYS A 78 7.35 -0.68 -6.99
N LEU A 79 7.74 -1.94 -7.09
CA LEU A 79 8.14 -2.63 -8.32
C LEU A 79 6.88 -3.06 -9.06
N TRP A 80 6.67 -2.57 -10.29
CA TRP A 80 5.48 -2.93 -11.03
C TRP A 80 5.60 -4.37 -11.57
N CYS A 81 4.42 -4.92 -11.90
CA CYS A 81 4.26 -6.31 -12.27
C CYS A 81 5.02 -6.71 -13.52
N THR A 82 5.26 -5.79 -14.43
CA THR A 82 5.98 -6.08 -15.67
C THR A 82 7.50 -6.08 -15.48
N TYR A 83 7.97 -5.97 -14.23
CA TYR A 83 9.40 -5.94 -13.92
C TYR A 83 9.79 -7.05 -12.95
N HIS A 84 8.98 -8.13 -12.84
CA HIS A 84 9.30 -9.34 -12.10
CA HIS A 84 9.36 -9.15 -11.85
C HIS A 84 10.24 -10.24 -12.93
C HIS A 84 10.55 -9.97 -12.31
N GLU A 85 11.42 -9.78 -13.17
N GLU A 85 10.82 -10.07 -13.60
CA GLU A 85 12.43 -10.51 -13.93
CA GLU A 85 12.02 -10.92 -13.92
C GLU A 85 13.75 -10.15 -13.32
C GLU A 85 13.33 -10.40 -13.26
N LYS A 86 14.54 -11.19 -13.08
N LYS A 86 14.40 -11.16 -12.93
CA LYS A 86 15.80 -10.94 -12.46
C LYS A 86 16.63 -9.82 -13.06
C LYS A 86 16.41 -9.71 -13.06
N GLY A 87 16.56 -9.73 -14.38
CA GLY A 87 17.33 -8.75 -15.09
C GLY A 87 16.67 -7.38 -15.25
N LEU A 88 15.40 -7.26 -14.71
CA LEU A 88 14.72 -5.97 -14.85
C LEU A 88 14.55 -5.27 -13.48
N VAL A 89 14.69 -5.96 -12.36
CA VAL A 89 14.37 -5.36 -11.04
C VAL A 89 15.26 -4.15 -10.75
N LYS A 90 16.57 -4.29 -10.95
CA LYS A 90 17.45 -3.18 -10.58
C LYS A 90 17.13 -1.97 -11.40
N GLY A 91 16.94 -2.12 -12.71
CA GLY A 91 16.65 -0.99 -13.54
C GLY A 91 15.33 -0.31 -13.19
N ALA A 92 14.34 -1.13 -12.81
CA ALA A 92 13.05 -0.56 -12.38
C ALA A 92 13.23 0.28 -11.13
N CYS A 93 14.01 -0.25 -10.18
CA CYS A 93 14.27 0.49 -8.95
C CYS A 93 15.04 1.79 -9.28
N GLN A 94 16.05 1.68 -10.14
CA GLN A 94 16.85 2.82 -10.48
C GLN A 94 16.07 3.90 -11.23
N LYS A 95 15.10 3.51 -12.07
CA LYS A 95 14.25 4.50 -12.74
C LYS A 95 13.42 5.26 -11.71
N THR A 96 12.85 4.51 -10.76
CA THR A 96 12.13 5.16 -9.65
C THR A 96 13.04 6.10 -8.87
N LEU A 97 14.26 5.65 -8.54
CA LEU A 97 15.18 6.52 -7.83
C LEU A 97 15.50 7.79 -8.63
N SER A 98 15.73 7.63 -9.91
CA SER A 98 16.04 8.79 -10.77
C SER A 98 14.87 9.75 -10.82
N ASP A 99 13.65 9.23 -10.98
CA ASP A 99 12.47 10.07 -11.03
C ASP A 99 12.21 10.78 -9.71
N LEU A 100 12.37 10.11 -8.57
N LEU A 100 12.37 9.98 -8.64
CA LEU A 100 12.11 10.69 -7.28
CA LEU A 100 12.20 10.60 -7.33
C LEU A 100 13.21 11.61 -6.73
C LEU A 100 13.44 11.46 -7.03
N LYS A 101 14.33 11.71 -7.47
N LYS A 101 14.54 11.30 -7.78
CA LYS A 101 15.49 12.52 -7.09
CA LYS A 101 15.79 12.06 -7.59
C LYS A 101 16.14 11.95 -5.83
C LYS A 101 16.41 11.80 -6.23
N LEU A 102 16.28 10.59 -5.76
CA LEU A 102 16.81 9.99 -4.57
C LEU A 102 18.00 9.09 -4.90
N ASP A 103 18.89 8.80 -3.93
N ASP A 103 18.81 8.96 -3.85
CA ASP A 103 19.95 7.77 -4.05
CA ASP A 103 19.89 7.99 -3.94
C ASP A 103 19.66 6.54 -3.21
C ASP A 103 19.49 6.65 -3.39
N TYR A 104 18.53 6.54 -2.51
CA TYR A 104 18.02 5.31 -1.94
C TYR A 104 16.53 5.51 -1.64
N LEU A 105 15.82 4.38 -1.58
CA LEU A 105 14.47 4.35 -1.04
C LEU A 105 14.51 3.83 0.38
N ASP A 106 13.59 4.33 1.23
CA ASP A 106 13.46 3.75 2.55
C ASP A 106 12.80 2.38 2.52
N LEU A 107 11.89 2.18 1.56
CA LEU A 107 11.16 0.92 1.46
C LEU A 107 10.79 0.73 0.00
N TYR A 108 11.02 -0.49 -0.50
CA TYR A 108 10.64 -0.83 -1.86
C TYR A 108 9.80 -2.11 -1.78
N LEU A 109 8.61 -2.07 -2.37
CA LEU A 109 7.66 -3.15 -2.25
C LEU A 109 7.46 -3.86 -3.59
N ILE A 110 7.26 -5.18 -3.53
CA ILE A 110 6.67 -5.87 -4.70
C ILE A 110 5.20 -5.44 -4.76
N HIS A 111 4.80 -4.72 -5.80
CA HIS A 111 3.50 -4.04 -5.78
C HIS A 111 2.31 -5.02 -5.72
N TRP A 112 2.41 -6.09 -6.52
CA TRP A 112 1.45 -7.18 -6.50
C TRP A 112 2.24 -8.46 -6.64
N PRO A 113 1.68 -9.60 -6.16
CA PRO A 113 2.45 -10.84 -6.24
CA PRO A 113 2.40 -10.86 -6.32
C PRO A 113 2.58 -11.31 -7.70
C PRO A 113 2.37 -11.52 -7.68
N THR A 114 1.71 -10.88 -8.59
CA THR A 114 1.65 -11.34 -9.98
C THR A 114 2.67 -10.67 -10.87
N GLY A 115 3.48 -11.48 -11.59
CA GLY A 115 4.32 -10.97 -12.63
C GLY A 115 3.63 -11.00 -13.98
N PHE A 116 3.83 -9.99 -14.76
CA PHE A 116 3.26 -9.88 -16.12
C PHE A 116 4.40 -9.84 -17.14
N LYS A 117 4.05 -10.16 -18.38
CA LYS A 117 5.01 -10.07 -19.48
C LYS A 117 5.63 -8.69 -19.52
N PRO A 118 6.97 -8.58 -19.54
N PRO A 118 6.97 -8.63 -19.65
CA PRO A 118 7.62 -7.30 -19.73
CA PRO A 118 7.62 -7.32 -19.69
C PRO A 118 7.30 -6.64 -21.05
C PRO A 118 7.33 -6.63 -21.01
N GLY A 119 7.41 -5.31 -21.05
CA GLY A 119 7.17 -4.52 -22.21
C GLY A 119 6.68 -3.16 -21.81
N LYS A 120 6.26 -2.37 -22.81
CA LYS A 120 5.85 -1.01 -22.54
C LYS A 120 4.53 -0.94 -21.77
N GLU A 121 3.63 -1.86 -22.06
CA GLU A 121 2.30 -1.83 -21.44
C GLU A 121 2.34 -2.32 -20.00
N PHE A 122 1.72 -1.59 -19.10
CA PHE A 122 1.64 -2.00 -17.71
C PHE A 122 0.72 -3.20 -17.48
N PHE A 123 -0.28 -3.37 -18.36
CA PHE A 123 -1.19 -4.51 -18.31
C PHE A 123 -1.22 -5.15 -19.69
N PRO A 124 -0.21 -5.96 -20.01
CA PRO A 124 -0.22 -6.61 -21.34
C PRO A 124 -1.36 -7.62 -21.38
N LEU A 125 -2.16 -7.56 -22.45
CA LEU A 125 -3.33 -8.42 -22.54
C LEU A 125 -3.23 -9.33 -23.75
N ASP A 126 -3.83 -10.50 -23.65
CA ASP A 126 -4.04 -11.34 -24.84
C ASP A 126 -5.26 -10.82 -25.59
N GLU A 127 -5.56 -11.39 -26.75
CA GLU A 127 -6.64 -10.84 -27.58
C GLU A 127 -8.00 -11.04 -26.93
N SER A 128 -8.11 -11.81 -25.88
CA SER A 128 -9.35 -11.99 -25.14
C SER A 128 -9.42 -11.19 -23.84
N GLY A 129 -8.43 -10.38 -23.55
CA GLY A 129 -8.46 -9.49 -22.40
C GLY A 129 -7.87 -10.02 -21.11
N ASN A 130 -7.28 -11.22 -21.15
CA ASN A 130 -6.62 -11.72 -19.97
C ASN A 130 -5.21 -11.13 -19.89
N VAL A 131 -4.75 -10.83 -18.67
CA VAL A 131 -3.37 -10.38 -18.54
C VAL A 131 -2.45 -11.52 -18.97
N VAL A 132 -1.35 -11.14 -19.59
CA VAL A 132 -0.34 -12.11 -20.00
C VAL A 132 0.67 -12.29 -18.86
N PRO A 133 0.73 -13.44 -18.23
CA PRO A 133 1.65 -13.62 -17.11
C PRO A 133 3.11 -13.71 -17.54
N SER A 134 3.94 -13.47 -16.53
N SER A 134 4.01 -13.44 -16.63
CA SER A 134 5.34 -13.90 -16.48
CA SER A 134 5.37 -13.97 -16.74
C SER A 134 5.44 -15.25 -15.77
C SER A 134 5.46 -15.23 -15.88
N ASP A 135 6.41 -16.07 -16.18
N ASP A 135 6.35 -16.15 -16.26
N ASP A 135 6.46 -16.02 -16.37
CA ASP A 135 6.66 -17.35 -15.51
CA ASP A 135 6.63 -17.33 -15.45
CA ASP A 135 6.80 -17.25 -15.69
C ASP A 135 7.52 -17.22 -14.24
C ASP A 135 7.70 -16.98 -14.41
C ASP A 135 7.56 -17.08 -14.36
N THR A 136 8.06 -16.13 -13.84
N THR A 136 7.62 -15.79 -13.91
N THR A 136 7.89 -15.85 -14.03
CA THR A 136 8.91 -15.76 -12.78
CA THR A 136 8.36 -15.58 -12.68
CA THR A 136 8.75 -15.58 -12.91
C THR A 136 8.11 -15.73 -11.47
C THR A 136 7.55 -15.97 -11.48
C THR A 136 8.24 -16.16 -11.60
N ASN A 137 8.35 -16.49 -10.43
N ASN A 137 8.29 -16.33 -10.49
N ASN A 137 9.05 -16.96 -10.89
CA ASN A 137 7.57 -16.56 -9.21
CA ASN A 137 7.68 -16.81 -9.27
CA ASN A 137 8.66 -17.39 -9.55
C ASN A 137 7.94 -15.58 -8.12
C ASN A 137 8.17 -15.81 -8.23
C ASN A 137 8.80 -16.19 -8.62
N ILE A 138 7.17 -15.57 -7.00
N ILE A 138 7.26 -15.71 -7.27
N ILE A 138 7.82 -15.86 -7.80
CA ILE A 138 7.40 -14.57 -5.97
CA ILE A 138 7.35 -14.80 -6.15
CA ILE A 138 7.92 -14.70 -6.90
C ILE A 138 8.73 -14.81 -5.23
C ILE A 138 8.75 -14.86 -5.54
C ILE A 138 9.01 -14.89 -5.86
N LEU A 139 9.25 -16.06 -5.27
CA LEU A 139 10.48 -16.26 -4.55
C LEU A 139 11.70 -15.73 -5.30
N ASP A 140 11.74 -15.91 -6.62
CA ASP A 140 12.85 -15.37 -7.36
C ASP A 140 12.75 -13.84 -7.42
N THR A 141 11.53 -13.29 -7.48
CA THR A 141 11.42 -11.86 -7.40
C THR A 141 11.93 -11.36 -6.04
N TRP A 142 11.62 -12.08 -4.98
CA TRP A 142 12.10 -11.68 -3.66
C TRP A 142 13.63 -11.67 -3.60
N ALA A 143 14.27 -12.72 -4.17
CA ALA A 143 15.74 -12.70 -4.19
C ALA A 143 16.28 -11.47 -4.89
N ALA A 144 15.61 -11.03 -5.96
CA ALA A 144 16.04 -9.85 -6.66
C ALA A 144 15.87 -8.59 -5.78
N MET A 145 14.80 -8.56 -4.98
CA MET A 145 14.61 -7.47 -4.03
C MET A 145 15.72 -7.44 -2.98
N GLU A 146 16.11 -8.64 -2.49
CA GLU A 146 17.17 -8.73 -1.50
C GLU A 146 18.46 -8.14 -2.05
N GLU A 147 18.74 -8.36 -3.33
CA GLU A 147 19.95 -7.80 -3.92
C GLU A 147 19.96 -6.27 -3.85
N LEU A 148 18.80 -5.63 -3.96
CA LEU A 148 18.74 -4.18 -3.89
C LEU A 148 19.19 -3.67 -2.52
N VAL A 149 18.85 -4.38 -1.46
CA VAL A 149 19.33 -4.04 -0.12
C VAL A 149 20.86 -4.13 -0.11
N ASP A 150 21.37 -5.22 -0.68
CA ASP A 150 22.81 -5.48 -0.66
C ASP A 150 23.60 -4.60 -1.61
N GLU A 151 22.95 -3.82 -2.45
CA GLU A 151 23.58 -2.86 -3.29
C GLU A 151 23.40 -1.42 -2.80
N GLY A 152 22.68 -1.24 -1.69
CA GLY A 152 22.49 0.09 -1.13
C GLY A 152 21.43 0.94 -1.77
N LEU A 153 20.64 0.35 -2.68
CA LEU A 153 19.58 1.14 -3.35
C LEU A 153 18.37 1.33 -2.47
N VAL A 154 18.11 0.41 -1.55
CA VAL A 154 16.93 0.46 -0.71
C VAL A 154 17.35 0.05 0.69
N LYS A 155 16.71 0.68 1.70
CA LYS A 155 16.98 0.32 3.09
C LYS A 155 16.15 -0.83 3.61
N ALA A 156 14.97 -1.02 3.04
CA ALA A 156 14.04 -2.06 3.43
C ALA A 156 13.31 -2.53 2.18
N ILE A 157 12.89 -3.80 2.21
CA ILE A 157 12.06 -4.36 1.18
C ILE A 157 10.82 -4.97 1.81
N GLY A 158 9.74 -5.01 1.02
CA GLY A 158 8.51 -5.58 1.46
C GLY A 158 7.63 -5.98 0.29
N ILE A 159 6.36 -6.24 0.63
CA ILE A 159 5.41 -6.82 -0.29
C ILE A 159 4.09 -6.03 -0.18
N SER A 160 3.23 -6.24 -1.17
CA SER A 160 1.95 -5.56 -1.18
C SER A 160 0.94 -6.45 -1.88
N ASN A 161 -0.27 -6.50 -1.29
CA ASN A 161 -1.33 -7.33 -1.83
C ASN A 161 -0.97 -8.82 -1.81
N PHE A 162 -0.12 -9.22 -0.85
CA PHE A 162 0.16 -10.64 -0.66
C PHE A 162 -0.83 -11.21 0.33
N ASN A 163 -1.43 -12.35 -0.03
CA ASN A 163 -2.32 -13.04 0.87
C ASN A 163 -1.51 -13.86 1.88
N HIS A 164 -2.27 -14.46 2.80
N HIS A 164 -2.15 -14.47 2.90
N HIS A 164 -2.23 -14.45 2.85
CA HIS A 164 -1.62 -15.18 3.89
CA HIS A 164 -1.25 -15.07 3.91
CA HIS A 164 -1.63 -15.17 3.97
C HIS A 164 -0.62 -16.21 3.38
C HIS A 164 -0.53 -16.29 3.34
C HIS A 164 -0.61 -16.21 3.47
N LEU A 165 -1.04 -17.01 2.41
N LEU A 165 -1.09 -17.06 2.43
CA LEU A 165 -0.19 -18.09 1.96
CA LEU A 165 -0.28 -18.10 1.84
C LEU A 165 0.99 -17.58 1.16
C LEU A 165 1.01 -17.52 1.23
N GLN A 166 0.84 -16.42 0.51
CA GLN A 166 1.96 -15.81 -0.20
C GLN A 166 2.98 -15.22 0.77
N VAL A 167 2.50 -14.59 1.86
CA VAL A 167 3.44 -14.13 2.90
C VAL A 167 4.20 -15.33 3.47
N GLU A 168 3.47 -16.40 3.77
CA GLU A 168 4.07 -17.61 4.28
C GLU A 168 5.13 -18.16 3.31
N MET A 169 4.83 -18.10 2.03
N MET A 169 4.84 -18.14 2.04
CA MET A 169 5.72 -18.58 0.98
CA MET A 169 5.83 -18.68 1.07
C MET A 169 7.03 -17.80 1.02
C MET A 169 7.12 -17.90 1.18
N ILE A 170 6.93 -16.50 1.19
N ILE A 170 7.14 -16.59 1.28
CA ILE A 170 8.11 -15.64 1.38
CA ILE A 170 8.45 -15.94 1.38
C ILE A 170 8.88 -16.06 2.62
C ILE A 170 9.08 -16.19 2.75
N LEU A 171 8.21 -16.17 3.78
CA LEU A 171 8.84 -16.46 5.05
C LEU A 171 9.50 -17.84 5.03
N ASN A 172 8.97 -18.79 4.26
CA ASN A 172 9.47 -20.13 4.15
C ASN A 172 10.45 -20.28 2.99
N LYS A 173 10.86 -19.20 2.34
CA LYS A 173 11.74 -19.29 1.17
C LYS A 173 13.04 -19.97 1.56
N PRO A 174 13.48 -20.99 0.85
CA PRO A 174 14.83 -21.55 1.13
C PRO A 174 15.88 -20.46 0.97
N GLY A 175 16.73 -20.34 1.97
CA GLY A 175 17.82 -19.38 1.86
C GLY A 175 17.38 -17.94 2.05
N LEU A 176 16.20 -17.70 2.59
CA LEU A 176 15.71 -16.33 2.81
C LEU A 176 16.78 -15.51 3.52
N LYS A 177 17.08 -14.32 2.96
CA LYS A 177 18.10 -13.44 3.53
C LYS A 177 17.50 -12.31 4.33
N TYR A 178 16.47 -11.66 3.80
CA TYR A 178 15.78 -10.59 4.52
C TYR A 178 14.30 -10.88 4.53
N LYS A 179 13.68 -10.87 5.70
CA LYS A 179 12.25 -10.95 5.79
C LYS A 179 11.63 -9.71 5.18
N PRO A 180 10.40 -9.78 4.67
CA PRO A 180 9.69 -8.57 4.31
C PRO A 180 9.48 -7.70 5.55
N ALA A 181 9.69 -6.40 5.39
CA ALA A 181 9.48 -5.47 6.49
C ALA A 181 8.02 -5.06 6.63
N VAL A 182 7.31 -5.03 5.52
CA VAL A 182 5.97 -4.48 5.40
C VAL A 182 5.18 -5.33 4.42
N ASN A 183 3.88 -5.49 4.71
CA ASN A 183 2.88 -5.90 3.71
C ASN A 183 1.86 -4.77 3.64
N GLN A 184 1.77 -4.13 2.48
CA GLN A 184 0.83 -3.04 2.27
C GLN A 184 -0.43 -3.60 1.60
N ILE A 185 -1.56 -3.46 2.29
CA ILE A 185 -2.82 -4.08 1.86
C ILE A 185 -3.95 -3.08 2.04
N GLU A 186 -5.04 -3.32 1.30
CA GLU A 186 -6.24 -2.49 1.49
C GLU A 186 -6.80 -2.75 2.87
N CYS A 187 -7.20 -1.70 3.59
CA CYS A 187 -7.77 -1.93 4.90
C CYS A 187 -8.55 -0.68 5.33
N HIS A 188 -9.80 -0.91 5.78
CA HIS A 188 -10.69 0.15 6.19
C HIS A 188 -11.87 -0.55 6.88
N PRO A 189 -12.84 0.20 7.41
CA PRO A 189 -13.94 -0.48 8.13
C PRO A 189 -14.78 -1.44 7.30
N TYR A 190 -14.89 -1.27 6.00
N TYR A 190 -14.72 -1.39 6.02
CA TYR A 190 -15.60 -2.31 5.22
CA TYR A 190 -15.47 -2.32 5.17
C TYR A 190 -14.81 -3.52 4.71
C TYR A 190 -14.56 -3.53 4.81
N LEU A 191 -13.51 -3.49 4.97
N LEU A 191 -13.26 -3.52 5.13
CA LEU A 191 -12.58 -4.57 4.60
CA LEU A 191 -12.30 -4.61 4.86
C LEU A 191 -11.55 -4.56 5.72
C LEU A 191 -11.28 -4.60 5.95
N THR A 192 -11.94 -5.12 6.87
N THR A 192 -11.61 -5.20 7.09
CA THR A 192 -11.15 -4.91 8.08
CA THR A 192 -10.86 -5.03 8.33
C THR A 192 -9.91 -5.78 8.18
C THR A 192 -9.63 -5.93 8.47
N GLN A 193 -9.81 -6.86 7.44
N GLN A 193 -9.58 -7.09 7.84
CA GLN A 193 -8.59 -7.62 7.29
CA GLN A 193 -8.33 -7.78 7.69
C GLN A 193 -8.06 -8.22 8.58
C GLN A 193 -7.76 -8.39 8.97
N GLU A 194 -8.97 -8.62 9.50
N GLU A 194 -8.65 -8.73 9.91
CA GLU A 194 -8.43 -9.12 10.76
CA GLU A 194 -8.15 -9.19 11.20
C GLU A 194 -7.49 -10.31 10.63
C GLU A 194 -7.17 -10.34 11.12
N LYS A 195 -7.84 -11.28 9.77
N LYS A 195 -7.46 -11.34 10.30
CA LYS A 195 -7.06 -12.48 9.65
CA LYS A 195 -6.61 -12.53 10.16
C LYS A 195 -5.67 -12.19 9.08
C LYS A 195 -5.24 -12.23 9.58
N LEU A 196 -5.61 -11.45 7.99
N LEU A 196 -5.24 -11.53 8.45
CA LEU A 196 -4.29 -11.23 7.38
CA LEU A 196 -3.96 -11.27 7.79
C LEU A 196 -3.45 -10.35 8.27
C LEU A 196 -3.10 -10.31 8.61
N ILE A 197 -4.09 -9.37 8.93
N ILE A 197 -3.74 -9.29 9.22
CA ILE A 197 -3.32 -8.52 9.83
CA ILE A 197 -2.97 -8.35 10.07
C ILE A 197 -2.74 -9.32 10.99
C ILE A 197 -2.33 -9.10 11.22
N GLN A 198 -3.55 -10.21 11.59
N GLN A 198 -3.08 -9.92 11.94
CA GLN A 198 -2.99 -10.95 12.71
CA GLN A 198 -2.50 -10.56 13.13
C GLN A 198 -1.83 -11.84 12.25
C GLN A 198 -1.38 -11.47 12.66
N TYR A 199 -1.98 -12.48 11.08
N TYR A 199 -1.55 -12.17 11.54
CA TYR A 199 -0.90 -13.34 10.60
CA TYR A 199 -0.49 -13.05 11.07
C TYR A 199 0.37 -12.52 10.42
C TYR A 199 0.77 -12.27 10.81
N CYS A 200 0.25 -11.41 9.68
N CYS A 200 0.64 -11.19 10.05
CA CYS A 200 1.44 -10.58 9.42
CA CYS A 200 1.84 -10.41 9.70
C CYS A 200 2.06 -10.06 10.73
C CYS A 200 2.49 -9.84 10.96
N GLN A 201 1.26 -9.53 11.61
N GLN A 201 1.66 -9.25 11.81
CA GLN A 201 1.77 -8.94 12.86
CA GLN A 201 2.21 -8.66 13.04
C GLN A 201 2.45 -10.03 13.69
C GLN A 201 2.91 -9.70 13.91
N SER A 202 1.86 -11.24 13.69
N SER A 202 2.36 -10.92 13.96
CA SER A 202 2.46 -12.34 14.47
CA SER A 202 2.95 -11.99 14.75
C SER A 202 3.83 -12.71 13.94
C SER A 202 4.31 -12.46 14.25
N LYS A 203 4.14 -12.40 12.68
N LYS A 203 4.61 -12.10 12.99
CA LYS A 203 5.42 -12.67 12.06
CA LYS A 203 5.88 -12.43 12.36
C LYS A 203 6.33 -11.45 12.08
C LYS A 203 6.78 -11.20 12.31
N GLY A 204 5.96 -10.37 12.74
N GLY A 204 6.41 -10.08 12.91
CA GLY A 204 6.76 -9.18 12.86
CA GLY A 204 7.23 -8.89 12.90
C GLY A 204 6.75 -8.32 11.62
C GLY A 204 7.15 -8.08 11.61
N ILE A 205 5.82 -8.56 10.71
N ILE A 205 6.21 -8.31 10.72
CA ILE A 205 5.76 -7.70 9.51
CA ILE A 205 5.87 -7.67 9.46
C ILE A 205 4.84 -6.55 9.88
C ILE A 205 4.81 -6.58 9.71
N VAL A 206 5.20 -5.35 9.52
CA VAL A 206 4.31 -4.19 9.71
C VAL A 206 3.34 -4.10 8.57
N VAL A 207 2.08 -3.86 8.88
CA VAL A 207 1.07 -3.71 7.85
C VAL A 207 0.79 -2.23 7.62
N THR A 208 0.79 -1.86 6.32
CA THR A 208 0.31 -0.53 5.89
C THR A 208 -1.06 -0.69 5.26
N ALA A 209 -2.00 0.13 5.71
CA ALA A 209 -3.36 0.19 5.22
C ALA A 209 -3.47 1.21 4.08
N TYR A 210 -3.83 0.73 2.90
CA TYR A 210 -4.11 1.58 1.78
C TYR A 210 -5.63 1.74 1.59
N SER A 211 -5.99 2.75 0.79
CA SER A 211 -7.37 3.15 0.57
C SER A 211 -8.14 3.28 1.89
N PRO A 212 -7.58 3.97 2.90
CA PRO A 212 -8.23 4.00 4.20
C PRO A 212 -9.55 4.77 4.22
N LEU A 213 -9.75 5.64 3.24
CA LEU A 213 -10.98 6.41 3.10
C LEU A 213 -11.94 5.76 2.13
N GLY A 214 -11.59 4.57 1.62
CA GLY A 214 -12.41 3.91 0.64
C GLY A 214 -12.22 4.42 -0.77
N SER A 215 -11.13 5.13 -1.04
CA SER A 215 -10.79 5.55 -2.39
C SER A 215 -11.97 6.09 -3.17
N PRO A 216 -12.60 7.17 -2.71
CA PRO A 216 -13.77 7.71 -3.44
C PRO A 216 -13.46 8.13 -4.86
N ASP A 217 -12.24 8.40 -5.21
CA ASP A 217 -11.81 8.80 -6.54
C ASP A 217 -11.34 7.61 -7.38
N ARG A 218 -11.52 6.39 -6.91
N ARG A 218 -11.44 6.35 -6.92
CA ARG A 218 -11.15 5.24 -7.73
CA ARG A 218 -10.98 5.30 -7.78
C ARG A 218 -11.86 5.34 -9.09
C ARG A 218 -11.84 5.26 -9.07
N PRO A 219 -11.22 4.97 -10.19
CA PRO A 219 -11.85 5.23 -11.49
C PRO A 219 -13.05 4.38 -11.76
N TRP A 220 -13.25 3.29 -11.07
CA TRP A 220 -14.33 2.31 -11.26
C TRP A 220 -15.43 2.47 -10.22
N ALA A 221 -15.47 3.55 -9.47
CA ALA A 221 -16.53 3.76 -8.51
C ALA A 221 -17.89 3.74 -9.15
N LYS A 222 -18.82 3.03 -8.52
N LYS A 222 -18.98 3.48 -8.45
N LYS A 222 -18.82 3.01 -8.53
CA LYS A 222 -20.24 3.10 -8.92
CA LYS A 222 -20.35 3.78 -8.97
CA LYS A 222 -20.23 2.69 -8.81
C LYS A 222 -21.07 3.80 -7.86
C LYS A 222 -21.09 4.73 -8.04
C LYS A 222 -21.22 3.07 -7.69
N PRO A 223 -22.10 4.55 -8.27
N PRO A 223 -22.02 5.58 -8.47
N PRO A 223 -22.50 3.33 -8.03
CA PRO A 223 -23.06 5.16 -7.33
CA PRO A 223 -22.72 6.45 -7.50
CA PRO A 223 -23.49 3.84 -7.09
C PRO A 223 -23.58 4.30 -6.19
C PRO A 223 -23.35 5.69 -6.33
C PRO A 223 -23.86 2.86 -5.98
N GLU A 224 -23.94 3.04 -6.43
N GLU A 224 -23.78 4.45 -6.57
N GLU A 224 -23.87 1.56 -6.27
CA GLU A 224 -24.48 2.18 -5.37
CA GLU A 224 -24.44 3.73 -5.48
CA GLU A 224 -24.23 0.54 -5.28
C GLU A 224 -23.44 1.57 -4.42
C GLU A 224 -23.54 2.93 -4.53
C GLU A 224 -23.12 0.30 -4.27
N ASP A 225 -22.12 1.76 -4.63
N ASP A 225 -22.24 2.84 -4.61
N ASP A 225 -22.02 0.96 -4.59
CA ASP A 225 -21.08 1.20 -3.77
CA ASP A 225 -21.37 1.93 -3.82
CA ASP A 225 -20.91 0.86 -3.75
C ASP A 225 -21.21 1.83 -2.38
C ASP A 225 -21.29 2.02 -2.28
C ASP A 225 -21.14 1.71 -2.48
N PRO A 226 -20.85 1.15 -1.33
CA PRO A 226 -20.85 1.78 0.02
C PRO A 226 -19.82 2.86 0.09
N SER A 227 -20.07 3.85 0.96
CA SER A 227 -19.24 5.01 1.11
C SER A 227 -18.88 5.26 2.55
N LEU A 228 -17.62 4.97 2.93
CA LEU A 228 -17.16 5.21 4.28
C LEU A 228 -17.36 6.64 4.74
N LEU A 229 -16.96 7.57 3.87
CA LEU A 229 -16.97 8.95 4.30
C LEU A 229 -18.40 9.45 4.54
N GLU A 230 -19.39 8.81 3.94
CA GLU A 230 -20.79 9.21 4.11
C GLU A 230 -21.56 8.29 5.02
N ASP A 231 -20.92 7.30 5.66
CA ASP A 231 -21.63 6.34 6.48
C ASP A 231 -22.09 7.01 7.77
N PRO A 232 -23.36 7.21 8.08
N PRO A 232 -23.41 6.97 8.00
CA PRO A 232 -23.73 8.02 9.25
CA PRO A 232 -23.95 7.63 9.17
C PRO A 232 -23.20 7.31 10.51
C PRO A 232 -23.34 7.19 10.49
N ARG A 233 -22.96 5.96 10.54
CA ARG A 233 -22.47 5.34 11.77
C ARG A 233 -21.06 5.87 12.09
N ILE A 234 -20.26 6.09 11.04
CA ILE A 234 -18.88 6.60 11.21
C ILE A 234 -18.92 8.07 11.46
N LYS A 235 -19.79 8.79 10.76
CA LYS A 235 -19.99 10.21 11.01
C LYS A 235 -20.36 10.39 12.46
N ALA A 236 -21.15 9.51 13.07
CA ALA A 236 -21.54 9.75 14.46
C ALA A 236 -20.33 9.65 15.41
N ILE A 237 -19.44 8.68 15.17
CA ILE A 237 -18.25 8.55 15.97
C ILE A 237 -17.39 9.81 15.83
N ALA A 238 -17.23 10.29 14.60
CA ALA A 238 -16.50 11.51 14.35
C ALA A 238 -17.11 12.66 15.11
N ALA A 239 -18.42 12.85 15.04
CA ALA A 239 -19.09 13.96 15.73
C ALA A 239 -18.82 13.87 17.21
N LYS A 240 -18.87 12.72 17.80
CA LYS A 240 -18.69 12.53 19.22
C LYS A 240 -17.31 13.04 19.65
N HIS A 241 -16.31 12.79 18.79
CA HIS A 241 -14.93 13.19 19.07
C HIS A 241 -14.62 14.56 18.54
N ASN A 242 -15.56 15.30 17.94
CA ASN A 242 -15.30 16.58 17.37
C ASN A 242 -14.16 16.53 16.31
N LYS A 243 -14.20 15.49 15.49
CA LYS A 243 -13.27 15.26 14.38
C LYS A 243 -14.04 15.04 13.13
N THR A 244 -13.35 15.05 11.97
CA THR A 244 -14.01 14.72 10.73
C THR A 244 -14.08 13.19 10.56
N THR A 245 -14.95 12.75 9.67
CA THR A 245 -15.03 11.33 9.38
C THR A 245 -13.68 10.83 8.84
N ALA A 246 -13.04 11.60 7.97
CA ALA A 246 -11.74 11.20 7.48
C ALA A 246 -10.74 11.02 8.61
N GLN A 247 -10.75 11.95 9.59
CA GLN A 247 -9.82 11.82 10.70
C GLN A 247 -10.06 10.54 11.51
N VAL A 248 -11.34 10.17 11.70
CA VAL A 248 -11.62 8.88 12.35
C VAL A 248 -11.10 7.71 11.52
N LEU A 249 -11.31 7.77 10.22
CA LEU A 249 -10.88 6.70 9.32
C LEU A 249 -9.37 6.56 9.28
N ILE A 250 -8.63 7.63 9.54
CA ILE A 250 -7.17 7.60 9.60
C ILE A 250 -6.69 7.11 10.96
N ARG A 251 -7.31 7.59 12.04
CA ARG A 251 -6.92 7.20 13.37
C ARG A 251 -7.18 5.70 13.62
N PHE A 252 -8.24 5.17 13.03
CA PHE A 252 -8.63 3.77 13.21
C PHE A 252 -7.46 2.82 12.96
N PRO A 253 -6.85 2.80 11.77
CA PRO A 253 -5.71 1.89 11.56
C PRO A 253 -4.55 2.20 12.48
N MET A 254 -4.31 3.48 12.78
CA MET A 254 -3.20 3.82 13.66
C MET A 254 -3.30 3.07 14.96
N GLN A 255 -4.51 2.95 15.53
CA GLN A 255 -4.68 2.28 16.80
C GLN A 255 -4.66 0.76 16.70
N ARG A 256 -4.57 0.22 15.50
CA ARG A 256 -4.37 -1.21 15.25
C ARG A 256 -2.90 -1.52 15.00
N ASN A 257 -2.02 -0.55 15.26
N ASN A 257 -1.99 -0.57 15.28
CA ASN A 257 -0.60 -0.71 15.00
CA ASN A 257 -0.54 -0.55 15.09
C ASN A 257 -0.28 -0.83 13.50
C ASN A 257 -0.20 -0.59 13.59
N LEU A 258 -1.10 -0.16 12.71
CA LEU A 258 -0.88 -0.10 11.26
C LEU A 258 -0.29 1.27 10.91
N VAL A 259 0.38 1.29 9.77
CA VAL A 259 0.72 2.50 9.04
C VAL A 259 -0.45 2.81 8.11
N VAL A 260 -0.71 4.09 7.82
CA VAL A 260 -1.85 4.44 6.99
C VAL A 260 -1.43 5.59 6.05
N ILE A 261 -1.94 5.52 4.80
CA ILE A 261 -1.45 6.39 3.72
C ILE A 261 -2.58 7.06 2.93
N PRO A 262 -3.40 7.88 3.60
CA PRO A 262 -4.46 8.58 2.88
C PRO A 262 -3.89 9.47 1.78
N LYS A 263 -4.59 9.50 0.63
CA LYS A 263 -4.23 10.35 -0.49
C LYS A 263 -5.09 11.60 -0.49
N SER A 264 -4.44 12.75 -0.74
CA SER A 264 -5.16 13.95 -1.11
C SER A 264 -4.24 14.85 -1.92
N VAL A 265 -4.86 15.61 -2.83
CA VAL A 265 -4.22 16.76 -3.46
C VAL A 265 -4.83 18.07 -3.01
N THR A 266 -5.69 18.06 -2.03
CA THR A 266 -6.36 19.27 -1.56
C THR A 266 -5.60 19.78 -0.35
N PRO A 267 -4.98 20.96 -0.40
CA PRO A 267 -4.15 21.38 0.74
C PRO A 267 -4.85 21.33 2.09
N GLU A 268 -6.10 21.77 2.16
CA GLU A 268 -6.81 21.77 3.42
C GLU A 268 -6.97 20.37 4.00
N ARG A 269 -7.25 19.40 3.07
CA ARG A 269 -7.41 18.01 3.50
C ARG A 269 -6.08 17.36 3.89
N ILE A 270 -5.02 17.69 3.15
CA ILE A 270 -3.71 17.20 3.51
C ILE A 270 -3.41 17.57 4.96
N ALA A 271 -3.70 18.83 5.31
N ALA A 271 -3.58 18.86 5.30
CA ALA A 271 -3.53 19.25 6.70
CA ALA A 271 -3.23 19.43 6.60
C ALA A 271 -4.50 18.55 7.65
C ALA A 271 -4.14 18.90 7.70
N GLU A 272 -5.76 18.47 7.30
N GLU A 272 -5.43 18.83 7.48
CA GLU A 272 -6.78 17.81 8.14
CA GLU A 272 -6.38 18.33 8.46
C GLU A 272 -6.34 16.38 8.49
C GLU A 272 -6.13 16.82 8.67
N ASN A 273 -5.85 15.68 7.44
N ASN A 273 -5.86 15.98 7.66
CA ASN A 273 -5.56 14.26 7.62
CA ASN A 273 -5.66 14.52 7.58
C ASN A 273 -4.34 14.03 8.51
C ASN A 273 -4.50 14.19 8.54
N PHE A 274 -3.53 15.09 8.71
CA PHE A 274 -2.39 14.95 9.61
C PHE A 274 -2.74 15.19 11.05
N LYS A 275 -3.88 15.83 11.33
CA LYS A 275 -4.28 16.24 12.67
C LYS A 275 -5.02 15.10 13.38
N VAL A 276 -4.30 13.99 13.56
CA VAL A 276 -4.84 12.75 14.06
C VAL A 276 -4.04 12.17 15.22
N PHE A 277 -3.22 13.08 15.80
N PHE A 277 -3.00 12.78 15.75
CA PHE A 277 -2.36 12.70 16.92
CA PHE A 277 -2.11 12.17 16.70
C PHE A 277 -2.82 13.27 18.26
C PHE A 277 -2.53 12.51 18.11
N ASP A 278 -3.99 13.89 18.28
N ASP A 278 -3.56 13.30 18.31
CA ASP A 278 -4.42 14.48 19.56
CA ASP A 278 -3.90 13.89 19.59
C ASP A 278 -5.82 14.06 19.99
C ASP A 278 -5.32 13.62 20.05
N PHE A 279 -6.25 12.89 19.59
N PHE A 279 -5.94 12.57 19.52
CA PHE A 279 -7.45 12.23 20.07
CA PHE A 279 -7.21 12.14 20.07
C PHE A 279 -7.30 10.72 19.97
C PHE A 279 -7.15 10.64 20.08
N GLU A 280 -8.09 10.03 20.79
CA GLU A 280 -8.10 8.57 20.86
C GLU A 280 -9.49 8.04 20.67
N LEU A 281 -9.63 7.02 19.85
CA LEU A 281 -10.84 6.23 19.76
C LEU A 281 -10.86 5.23 20.94
N SER A 282 -12.01 5.06 21.56
CA SER A 282 -12.12 4.09 22.64
C SER A 282 -12.06 2.66 22.09
N SER A 283 -11.87 1.68 22.99
CA SER A 283 -11.98 0.31 22.55
C SER A 283 -13.34 -0.02 21.95
N GLN A 284 -14.40 0.56 22.54
CA GLN A 284 -15.74 0.39 22.01
C GLN A 284 -15.85 1.02 20.61
N ASP A 285 -15.29 2.20 20.41
CA ASP A 285 -15.24 2.77 19.06
C ASP A 285 -14.54 1.85 18.09
N MET A 286 -13.39 1.30 18.50
CA MET A 286 -12.61 0.46 17.63
C MET A 286 -13.39 -0.80 17.24
N THR A 287 -14.00 -1.45 18.23
CA THR A 287 -14.78 -2.64 17.96
C THR A 287 -16.00 -2.32 17.10
N THR A 288 -16.61 -1.17 17.36
CA THR A 288 -17.74 -0.74 16.54
C THR A 288 -17.32 -0.55 15.08
N LEU A 289 -16.18 0.15 14.85
CA LEU A 289 -15.71 0.30 13.49
C LEU A 289 -15.37 -1.03 12.85
N LEU A 290 -14.75 -1.95 13.60
CA LEU A 290 -14.46 -3.26 13.06
C LEU A 290 -15.73 -3.99 12.65
N SER A 291 -16.83 -3.71 13.34
CA SER A 291 -18.06 -4.43 13.10
C SER A 291 -18.66 -4.11 11.73
N TYR A 292 -18.16 -3.08 11.06
CA TYR A 292 -18.68 -2.66 9.78
C TYR A 292 -18.10 -3.46 8.61
N ASN A 293 -17.21 -4.45 8.90
CA ASN A 293 -16.62 -5.20 7.84
C ASN A 293 -17.68 -5.82 6.93
N ARG A 294 -17.45 -5.77 5.63
CA ARG A 294 -18.30 -6.41 4.66
C ARG A 294 -17.46 -7.10 3.58
N ASN A 295 -16.16 -7.24 3.79
CA ASN A 295 -15.30 -7.84 2.75
C ASN A 295 -15.45 -7.08 1.41
N TRP A 296 -15.47 -5.77 1.40
N TRP A 296 -15.70 -5.79 1.56
CA TRP A 296 -15.54 -4.93 0.23
CA TRP A 296 -16.00 -4.99 0.38
C TRP A 296 -14.19 -4.35 -0.15
C TRP A 296 -14.66 -4.51 -0.09
N ARG A 297 -13.77 -4.65 -1.40
N ARG A 297 -14.18 -5.09 -1.18
CA ARG A 297 -12.50 -4.16 -1.91
CA ARG A 297 -12.81 -4.77 -1.65
C ARG A 297 -12.61 -3.08 -2.94
C ARG A 297 -12.84 -3.88 -2.87
N VAL A 298 -11.85 -2.01 -2.76
N VAL A 298 -12.28 -2.68 -2.73
CA VAL A 298 -11.54 -1.05 -3.81
CA VAL A 298 -12.31 -1.72 -3.84
C VAL A 298 -10.71 -1.70 -4.90
C VAL A 298 -11.19 -2.01 -4.85
N CYS A 299 -9.65 -2.38 -4.47
N CYS A 299 -10.11 -2.60 -4.44
CA CYS A 299 -8.64 -2.78 -5.48
CA CYS A 299 -8.90 -2.78 -5.28
C CYS A 299 -8.72 -4.26 -5.72
C CYS A 299 -8.69 -4.27 -5.46
N ALA A 300 -9.26 -4.55 -6.90
N ALA A 300 -9.30 -4.86 -6.48
CA ALA A 300 -9.39 -5.85 -7.51
CA ALA A 300 -9.34 -6.33 -6.68
C ALA A 300 -9.38 -5.60 -9.01
C ALA A 300 -8.63 -6.79 -7.94
N LEU A 301 -9.13 -6.61 -9.81
N LEU A 301 -7.92 -5.91 -8.63
CA LEU A 301 -9.05 -6.37 -11.24
CA LEU A 301 -7.09 -6.26 -9.80
C LEU A 301 -9.35 -7.67 -12.01
C LEU A 301 -7.87 -7.25 -10.73
N LEU A 302 -10.47 -7.68 -12.72
N LEU A 302 -9.04 -6.80 -11.14
CA LEU A 302 -10.97 -8.86 -13.37
CA LEU A 302 -10.06 -7.70 -11.68
C LEU A 302 -9.96 -9.41 -14.37
C LEU A 302 -9.65 -8.33 -12.99
N SER A 303 -9.26 -8.56 -15.14
N SER A 303 -8.73 -7.76 -13.72
CA SER A 303 -8.37 -9.03 -16.16
CA SER A 303 -8.24 -8.28 -14.98
C SER A 303 -7.23 -9.87 -15.60
C SER A 303 -7.35 -9.49 -14.76
N CYS A 304 -6.92 -9.80 -14.31
N CYS A 304 -6.95 -9.79 -13.54
CA CYS A 304 -5.78 -10.48 -13.70
CA CYS A 304 -5.89 -10.71 -13.30
C CYS A 304 -6.22 -11.71 -12.90
C CYS A 304 -6.31 -11.88 -12.46
N THR A 305 -7.52 -12.01 -12.81
N THR A 305 -7.66 -11.96 -12.51
CA THR A 305 -8.02 -12.99 -11.86
CA THR A 305 -8.09 -13.11 -11.74
C THR A 305 -7.69 -14.46 -12.13
C THR A 305 -7.59 -14.39 -12.41
N SER A 306 -7.19 -14.84 -13.30
N SER A 306 -7.28 -14.39 -13.70
CA SER A 306 -6.74 -16.17 -13.63
CA SER A 306 -6.71 -15.51 -14.42
C SER A 306 -5.25 -16.36 -13.44
C SER A 306 -5.28 -15.87 -14.04
N HIS A 307 -4.55 -15.23 -13.17
N HIS A 307 -4.46 -15.07 -13.37
CA HIS A 307 -3.11 -15.32 -13.03
CA HIS A 307 -3.07 -15.33 -13.04
C HIS A 307 -2.92 -16.30 -11.88
N LYS A 308 -1.97 -17.20 -11.96
CA LYS A 308 -1.66 -18.17 -10.94
CA LYS A 308 -1.83 -18.17 -10.89
C LYS A 308 -1.55 -17.57 -9.55
N ASP A 309 -0.93 -16.44 -9.48
N ASP A 309 -1.22 -16.40 -9.15
CA ASP A 309 -0.61 -15.72 -8.30
CA ASP A 309 -0.72 -15.78 -8.01
C ASP A 309 -1.56 -14.57 -7.96
C ASP A 309 -1.76 -14.68 -7.69
N TYR A 310 -2.72 -14.48 -8.64
N TYR A 310 -2.96 -14.67 -8.33
CA TYR A 310 -3.69 -13.44 -8.25
CA TYR A 310 -3.98 -13.72 -7.92
C TYR A 310 -4.10 -13.65 -6.79
C TYR A 310 -4.21 -13.89 -6.42
N PRO A 311 -4.09 -12.60 -5.96
N PRO A 311 -4.14 -12.81 -5.63
CA PRO A 311 -4.14 -12.85 -4.52
CA PRO A 311 -4.14 -13.01 -4.19
C PRO A 311 -5.48 -13.06 -3.91
C PRO A 311 -5.50 -13.19 -3.58
N PHE A 312 -6.53 -12.64 -4.60
N PHE A 312 -6.57 -12.82 -4.27
N PHE A 312 -6.65 -12.75 -4.46
CA PHE A 312 -7.83 -12.57 -3.99
CA PHE A 312 -7.94 -12.70 -3.79
CA PHE A 312 -7.79 -12.67 -3.54
C PHE A 312 -8.82 -13.55 -4.59
C PHE A 312 -8.87 -13.79 -4.31
C PHE A 312 -8.80 -13.81 -3.73
N HIS A 313 -9.84 -13.85 -3.80
N HIS A 313 -8.34 -14.95 -4.25
CA HIS A 313 -10.95 -14.72 -4.18
CA HIS A 313 -9.23 -16.13 -4.20
C HIS A 313 -12.30 -14.16 -3.72
C HIS A 313 -9.17 -16.77 -2.81
N GLU A 314 -8.01 -16.79 -2.18
CA GLU A 314 -7.83 -17.29 -0.82
C GLU A 314 -8.70 -16.49 0.13
N GLU A 315 -9.02 -17.09 1.25
CA GLU A 315 -9.87 -16.29 2.15
C GLU A 315 -9.13 -15.07 2.67
N PHE A 316 -7.85 -15.28 2.91
CA PHE A 316 -6.98 -14.21 3.40
C PHE A 316 -5.51 -14.56 3.17
CL CL B . 4.64 0.29 -9.43
PA NDP C . -7.96 7.04 -0.17
O1A NDP C . -6.73 7.59 0.41
O2A NDP C . -8.79 6.08 0.60
O5B NDP C . -8.97 8.16 -0.67
C5B NDP C . -8.49 9.24 -1.51
C4B NDP C . -9.68 10.09 -1.85
O4B NDP C . -10.22 10.67 -0.64
C3B NDP C . -9.43 11.25 -2.79
O3B NDP C . -10.56 11.38 -3.65
C2B NDP C . -9.32 12.45 -1.87
O2B NDP C . -9.73 13.65 -2.51
C1B NDP C . -10.30 12.09 -0.77
N9A NDP C . -10.01 12.68 0.52
C8A NDP C . -8.77 12.74 1.12
N7A NDP C . -8.80 13.31 2.30
C5A NDP C . -10.12 13.64 2.49
C6A NDP C . -10.77 14.29 3.54
N6A NDP C . -10.12 14.73 4.62
N1A NDP C . -12.09 14.51 3.37
C2A NDP C . -12.72 14.08 2.29
N3A NDP C . -12.21 13.43 1.24
C4A NDP C . -10.89 13.26 1.39
O3 NDP C . -7.64 6.33 -1.58
PN NDP C . -6.40 5.68 -2.35
O1N NDP C . -6.94 4.51 -3.08
O2N NDP C . -5.70 6.74 -3.12
O5D NDP C . -5.46 5.07 -1.21
C5D NDP C . -4.41 5.83 -0.57
C4D NDP C . -3.06 5.50 -1.16
O4D NDP C . -2.73 4.12 -0.91
C3D NDP C . -2.92 5.63 -2.67
O3D NDP C . -2.89 6.96 -3.13
C2D NDP C . -1.62 4.86 -2.90
O2D NDP C . -0.55 5.68 -2.47
C1D NDP C . -1.85 3.67 -1.94
N1N NDP C . -2.48 2.49 -2.59
C2N NDP C . -1.71 1.40 -2.83
C3N NDP C . -2.22 0.29 -3.47
C7N NDP C . -1.42 -0.97 -3.64
O7N NDP C . -1.80 -1.83 -4.43
N7N NDP C . -0.32 -1.09 -2.87
C4N NDP C . -3.55 0.31 -3.92
C5N NDP C . -4.33 1.42 -3.63
C6N NDP C . -3.80 2.48 -2.96
P2B NDP C . -8.70 14.81 -2.97
O1X NDP C . -7.41 14.17 -3.35
O2X NDP C . -9.49 15.43 -4.12
O3X NDP C . -8.56 15.77 -1.80
C2 LDT D . -2.89 2.12 -10.09
C3 LDT D . -3.68 0.45 -12.18
C4 LDT D . -3.76 1.04 -9.84
C5 LDT D . -2.41 2.29 -11.39
C6 LDT D . -2.77 1.48 -12.47
C7 LDT D . -4.16 0.20 -10.90
BR8 LDT D . -2.51 -8.11 -10.13
F9 LDT D . -1.57 3.30 -11.58
C11 LDT D . -5.04 -0.96 -10.65
C13 LDT D . -5.57 -2.82 -9.20
F14 LDT D . -6.47 -5.29 -8.33
O15 LDT D . -4.39 0.89 -8.63
S16 LDT D . -6.24 -1.34 -11.79
N17 LDT D . -4.81 -1.65 -9.57
C20 LDT D . -3.66 1.18 -7.44
C24 LDT D . -4.82 -4.11 -9.51
C25 LDT D . -3.50 -6.53 -9.94
C26 LDT D . -3.65 -4.15 -10.25
C27 LDT D . -5.34 -5.31 -9.05
C28 LDT D . -4.69 -6.52 -9.24
C29 LDT D . -2.95 -5.34 -10.46
C32 LDT D . -2.45 0.19 -7.34
O33 LDT D . -1.62 0.62 -6.51
O34 LDT D . -2.46 -0.86 -7.82
C2I FID E . -2.69 1.35 -6.63
N4 FID E . -2.29 0.19 -6.96
C5 FID E . -2.61 -0.62 -7.88
C7I FID E . -3.86 0.17 -8.23
C12 FID E . -3.69 0.65 -9.65
C13 FID E . -2.90 1.75 -9.96
C14 FID E . -2.67 2.06 -11.26
F17 FID E . -1.91 3.19 -11.54
C15 FID E . -3.20 1.39 -12.31
C16 FID E . -3.97 0.31 -11.98
C11 FID E . -4.23 -0.09 -10.68
O10 FID E . -5.06 -1.15 -10.56
C9 FID E . -5.14 -1.75 -9.26
C19 FID E . -6.39 -2.60 -9.20
N21 FID E . -7.19 -2.53 -10.25
O20 FID E . -6.68 -3.24 -8.21
C8I FID E . -5.08 -0.68 -8.19
N1I FID E . -3.87 1.25 -7.26
O6I FID E . -2.14 -1.61 -8.33
O3I FID E . -2.36 2.22 -5.82
C1 CIT F . -6.49 -15.71 6.06
O1 CIT F . -5.48 -14.93 6.36
O2 CIT F . -6.68 -16.73 6.76
C2 CIT F . -7.52 -15.24 5.08
C3 CIT F . -7.04 -14.17 4.09
O7 CIT F . -6.75 -13.01 4.88
C4 CIT F . -8.18 -13.79 3.11
C5 CIT F . -9.36 -13.09 3.73
O3 CIT F . -9.55 -11.77 3.54
O4 CIT F . -10.21 -13.80 4.19
C6 CIT F . -5.84 -14.64 3.27
O5 CIT F . -4.90 -13.70 3.21
O6 CIT F . -5.70 -15.79 2.91
C1 CIT G . 6.14 10.81 -14.54
O1 CIT G . 6.91 10.30 -13.56
O2 CIT G . 5.60 11.90 -14.69
C2 CIT G . 6.09 9.92 -15.74
C3 CIT G . 7.50 9.65 -16.28
O7 CIT G . 8.34 10.85 -16.32
C4 CIT G . 7.28 9.08 -17.67
C5 CIT G . 8.59 8.91 -18.42
O3 CIT G . 9.58 8.32 -17.82
O4 CIT G . 8.70 9.18 -19.60
C6 CIT G . 8.29 8.65 -15.38
O5 CIT G . 9.28 9.27 -14.82
O6 CIT G . 7.87 7.54 -15.04
#